data_5AFB
#
_entry.id   5AFB
#
_cell.length_a   78.430
_cell.length_b   96.650
_cell.length_c   101.640
_cell.angle_alpha   90.00
_cell.angle_beta   90.00
_cell.angle_gamma   90.00
#
_symmetry.space_group_name_H-M   'I 2 2 2'
#
loop_
_entity.id
_entity.type
_entity.pdbx_description
1 polymer LATROPHILIN-3
2 non-polymer 2-acetamido-2-deoxy-beta-D-glucopyranose
3 non-polymer 'SODIUM ION'
4 non-polymer 'CALCIUM ION'
5 non-polymer GLYCEROL
6 water water
#
_entity_poly.entity_id   1
_entity_poly.type   'polypeptide(L)'
_entity_poly.pdbx_seq_one_letter_code
;ETGPIPMAVVRRELSCESYPIELRCPGTDVIMIESANYGRTDDKICDSDPAQMENIRCYLPDAYKIMSQRCNNRTQCAVV
AGPDVFPDPCPGTYKYLEVQYECVPYKVEQKVFLCPGLLKGVYQSEHLFESDHQSGAWCKDPLQASDKIYYMPWTPYRTD
TLTEYSSKDDFIAGRPTTTYKLPHRVDGTGFVVYDGALFFNKERTRNIVKFDLRTRIKSGEAIIANANYHDTSPYRWGGK
SDIDLAVDENGLWVIYATEQNNGKIVISQLNPYTLRIEGTWDTAYDKRSASNAFMICGILYVVKSVYEDDDNEATGNKID
YIYNTDQSKDSLVDVPFPNSYQYIAAVDYNPRDNLLYVWNNYHVVKYSLDFGPLDGTKHHHHHH
;
_entity_poly.pdbx_strand_id   A
#
loop_
_chem_comp.id
_chem_comp.type
_chem_comp.name
_chem_comp.formula
CA non-polymer 'CALCIUM ION' 'Ca 2'
GOL non-polymer GLYCEROL 'C3 H8 O3'
NA non-polymer 'SODIUM ION' 'Na 1'
NAG D-saccharide, beta linking 2-acetamido-2-deoxy-beta-D-glucopyranose 'C8 H15 N O6'
#
# COMPACT_ATOMS: atom_id res chain seq x y z
N VAL A 9 13.70 17.69 3.16
CA VAL A 9 14.40 18.82 3.77
C VAL A 9 15.55 18.32 4.68
N VAL A 10 16.71 18.98 4.60
CA VAL A 10 17.91 18.63 5.38
C VAL A 10 17.78 19.01 6.87
N ARG A 11 18.06 18.03 7.75
CA ARG A 11 18.08 18.17 9.20
C ARG A 11 19.52 18.06 9.67
N ARG A 12 19.87 18.81 10.71
CA ARG A 12 21.23 18.88 11.22
C ARG A 12 21.35 18.60 12.71
N GLU A 13 22.40 17.86 13.08
CA GLU A 13 22.75 17.55 14.45
C GLU A 13 24.27 17.64 14.60
N LEU A 14 24.72 18.03 15.80
CA LEU A 14 26.14 18.18 16.11
C LEU A 14 26.30 17.99 17.60
N SER A 15 27.30 17.17 17.99
CA SER A 15 27.61 16.94 19.39
C SER A 15 29.10 16.91 19.56
N CYS A 16 29.60 17.55 20.62
CA CYS A 16 31.01 17.57 20.95
C CYS A 16 31.38 16.21 21.50
N GLU A 17 32.69 15.90 21.50
CA GLU A 17 33.20 14.61 21.98
C GLU A 17 32.63 14.23 23.34
N SER A 18 32.26 12.93 23.48
CA SER A 18 31.67 12.24 24.65
C SER A 18 30.15 12.45 24.81
N TYR A 19 29.54 13.32 23.99
CA TYR A 19 28.11 13.59 24.03
C TYR A 19 27.35 12.86 22.91
N PRO A 20 26.10 12.41 23.16
CA PRO A 20 25.37 11.72 22.10
C PRO A 20 24.69 12.63 21.11
N ILE A 21 24.51 12.14 19.88
CA ILE A 21 23.80 12.81 18.80
C ILE A 21 22.43 12.12 18.73
N GLU A 22 21.34 12.89 18.65
CA GLU A 22 20.00 12.30 18.64
C GLU A 22 19.26 12.67 17.37
N LEU A 23 18.92 11.65 16.57
CA LEU A 23 18.20 11.78 15.30
C LEU A 23 16.81 11.17 15.47
N ARG A 24 15.77 11.89 15.05
CA ARG A 24 14.40 11.40 15.14
C ARG A 24 13.60 11.87 13.94
N CYS A 25 12.81 10.95 13.36
CA CYS A 25 11.94 11.23 12.23
C CYS A 25 10.47 11.12 12.65
N PRO A 26 9.58 12.02 12.14
CA PRO A 26 8.17 11.95 12.55
C PRO A 26 7.43 10.74 11.99
N GLY A 27 6.37 10.31 12.67
CA GLY A 27 5.52 9.20 12.27
C GLY A 27 6.26 7.95 11.84
N THR A 28 5.95 7.46 10.62
CA THR A 28 6.56 6.25 10.04
C THR A 28 7.80 6.56 9.17
N ASP A 29 8.18 7.85 9.04
CA ASP A 29 9.36 8.27 8.26
C ASP A 29 10.65 7.75 8.88
N VAL A 30 11.65 7.46 8.05
CA VAL A 30 12.93 6.87 8.46
C VAL A 30 14.13 7.75 8.10
N ILE A 31 15.23 7.58 8.84
CA ILE A 31 16.48 8.31 8.67
C ILE A 31 17.21 7.86 7.42
N MET A 32 17.83 8.84 6.75
CA MET A 32 18.75 8.67 5.64
C MET A 32 19.89 9.63 5.88
N ILE A 33 21.09 9.10 6.14
CA ILE A 33 22.29 9.89 6.37
C ILE A 33 22.73 10.50 5.04
N GLU A 34 22.89 11.83 5.03
CA GLU A 34 23.29 12.61 3.86
C GLU A 34 24.79 12.83 3.88
N SER A 35 25.30 13.20 5.07
CA SER A 35 26.71 13.44 5.36
C SER A 35 26.99 13.31 6.85
N ALA A 36 28.23 12.96 7.19
CA ALA A 36 28.68 12.79 8.56
C ALA A 36 30.18 12.94 8.64
N ASN A 37 30.64 13.61 9.70
CA ASN A 37 32.06 13.72 10.00
C ASN A 37 32.30 13.69 11.47
N TYR A 38 33.26 12.87 11.87
CA TYR A 38 33.74 12.80 13.23
C TYR A 38 35.18 13.32 13.13
N GLY A 39 35.42 14.44 13.80
CA GLY A 39 36.72 15.09 13.77
C GLY A 39 36.59 16.58 14.02
N ARG A 40 37.32 17.39 13.22
CA ARG A 40 37.33 18.85 13.32
C ARG A 40 37.53 19.48 11.94
N THR A 41 36.56 20.32 11.53
CA THR A 41 36.56 21.02 10.25
C THR A 41 36.52 22.55 10.43
N ASP A 42 36.32 23.00 11.69
CA ASP A 42 36.20 24.41 12.07
C ASP A 42 36.87 24.68 13.42
N ASP A 43 37.53 25.85 13.55
CA ASP A 43 38.25 26.29 14.75
C ASP A 43 37.37 26.91 15.86
N LYS A 44 36.06 27.12 15.57
CA LYS A 44 35.12 27.71 16.53
C LYS A 44 34.19 26.68 17.18
N ILE A 45 33.90 25.58 16.48
CA ILE A 45 33.01 24.52 16.96
C ILE A 45 33.60 23.77 18.14
N CYS A 46 32.78 23.58 19.20
CA CYS A 46 33.13 22.87 20.44
C CYS A 46 34.39 23.42 21.11
N ASP A 47 34.20 24.55 21.82
CA ASP A 47 35.20 25.35 22.55
C ASP A 47 36.02 24.53 23.56
N SER A 48 37.35 24.56 23.41
CA SER A 48 38.31 23.88 24.29
C SER A 48 39.64 24.64 24.41
N ASP A 49 40.73 23.97 24.84
CA ASP A 49 42.06 24.55 25.02
C ASP A 49 42.69 24.99 23.69
N ASN A 55 43.87 22.06 14.51
CA ASN A 55 43.76 21.13 13.40
C ASN A 55 42.33 21.14 12.86
N ILE A 56 42.10 21.91 11.79
CA ILE A 56 40.80 22.07 11.13
C ILE A 56 40.65 21.17 9.88
N ARG A 57 41.60 20.23 9.69
CA ARG A 57 41.60 19.27 8.58
C ARG A 57 41.59 17.83 9.11
N CYS A 58 40.73 17.57 10.12
CA CYS A 58 40.58 16.25 10.73
C CYS A 58 39.29 15.57 10.24
N TYR A 59 39.45 14.57 9.35
CA TYR A 59 38.35 13.84 8.73
C TYR A 59 38.42 12.35 9.02
N LEU A 60 37.24 11.73 9.14
CA LEU A 60 37.09 10.28 9.30
C LEU A 60 36.18 9.84 8.16
N PRO A 61 36.74 9.21 7.10
CA PRO A 61 35.90 8.80 5.95
C PRO A 61 34.81 7.79 6.28
N ASP A 62 35.05 6.92 7.28
CA ASP A 62 34.11 5.89 7.72
C ASP A 62 32.94 6.42 8.56
N ALA A 63 32.98 7.72 8.98
CA ALA A 63 31.91 8.35 9.77
C ALA A 63 30.57 8.26 9.07
N TYR A 64 30.56 8.46 7.73
CA TYR A 64 29.36 8.36 6.91
C TYR A 64 28.82 6.93 6.94
N LYS A 65 29.72 5.92 6.80
CA LYS A 65 29.40 4.49 6.82
C LYS A 65 28.85 4.04 8.17
N ILE A 66 29.50 4.47 9.27
CA ILE A 66 29.10 4.14 10.64
C ILE A 66 27.69 4.68 10.93
N MET A 67 27.45 5.97 10.62
CA MET A 67 26.15 6.62 10.82
C MET A 67 25.05 5.99 9.98
N SER A 68 25.34 5.68 8.70
CA SER A 68 24.37 5.03 7.79
C SER A 68 23.96 3.67 8.36
N GLN A 69 24.94 2.82 8.71
CA GLN A 69 24.72 1.50 9.30
C GLN A 69 23.92 1.58 10.59
N ARG A 70 24.27 2.52 11.47
CA ARG A 70 23.57 2.67 12.75
C ARG A 70 22.21 3.36 12.69
N CYS A 71 21.98 4.26 11.71
CA CYS A 71 20.75 5.07 11.70
C CYS A 71 19.79 4.87 10.52
N ASN A 72 20.28 4.47 9.32
CA ASN A 72 19.39 4.31 8.17
C ASN A 72 18.27 3.31 8.42
N ASN A 73 17.06 3.60 7.90
CA ASN A 73 15.82 2.80 8.01
C ASN A 73 15.21 2.79 9.41
N ARG A 74 15.68 3.66 10.30
CA ARG A 74 15.16 3.72 11.66
C ARG A 74 14.40 5.00 11.88
N THR A 75 13.37 4.95 12.74
CA THR A 75 12.57 6.11 13.13
C THR A 75 13.44 7.04 13.98
N GLN A 76 14.30 6.45 14.85
CA GLN A 76 15.17 7.20 15.74
C GLN A 76 16.57 6.60 15.86
N CYS A 77 17.54 7.42 16.28
CA CYS A 77 18.94 7.05 16.44
C CYS A 77 19.62 7.88 17.52
N ALA A 78 20.49 7.25 18.31
CA ALA A 78 21.29 7.91 19.35
C ALA A 78 22.69 7.29 19.25
N VAL A 79 23.69 8.13 18.92
CA VAL A 79 25.08 7.72 18.71
C VAL A 79 26.00 8.64 19.53
N VAL A 80 26.87 8.06 20.38
CA VAL A 80 27.81 8.83 21.19
C VAL A 80 29.02 9.21 20.33
N ALA A 81 29.38 10.51 20.33
CA ALA A 81 30.53 11.04 19.59
C ALA A 81 31.81 10.72 20.36
N GLY A 82 32.32 9.51 20.18
CA GLY A 82 33.52 9.14 20.92
C GLY A 82 34.23 7.86 20.50
N PRO A 83 35.21 7.43 21.33
CA PRO A 83 36.00 6.23 21.00
C PRO A 83 35.28 4.88 21.12
N ASP A 84 34.05 4.83 21.68
CA ASP A 84 33.34 3.55 21.78
C ASP A 84 32.71 3.17 20.45
N VAL A 85 32.39 4.19 19.64
CA VAL A 85 31.70 4.05 18.35
C VAL A 85 32.60 4.41 17.15
N PHE A 86 33.52 5.38 17.30
CA PHE A 86 34.35 5.85 16.19
C PHE A 86 35.86 5.73 16.43
N PRO A 87 36.66 5.44 15.37
CA PRO A 87 38.12 5.47 15.53
C PRO A 87 38.57 6.93 15.70
N ASP A 88 39.81 7.13 16.14
CA ASP A 88 40.35 8.48 16.34
C ASP A 88 41.07 8.99 15.08
N PRO A 89 40.49 9.96 14.33
CA PRO A 89 41.18 10.47 13.13
C PRO A 89 42.29 11.46 13.41
N CYS A 90 42.34 12.03 14.65
CA CYS A 90 43.34 13.01 15.07
C CYS A 90 43.56 13.00 16.61
N PRO A 91 44.36 12.04 17.15
CA PRO A 91 44.58 12.03 18.62
C PRO A 91 45.19 13.34 19.11
N GLY A 92 44.66 13.84 20.23
CA GLY A 92 45.10 15.09 20.82
C GLY A 92 44.16 16.24 20.53
N THR A 93 43.49 16.20 19.36
CA THR A 93 42.51 17.22 18.95
C THR A 93 41.13 16.88 19.50
N TYR A 94 40.45 17.87 20.11
CA TYR A 94 39.11 17.75 20.67
C TYR A 94 38.14 17.74 19.50
N LYS A 95 37.47 16.59 19.29
CA LYS A 95 36.61 16.34 18.15
C LYS A 95 35.12 16.59 18.38
N TYR A 96 34.34 16.52 17.30
CA TYR A 96 32.89 16.64 17.29
C TYR A 96 32.30 15.86 16.13
N LEU A 97 31.07 15.38 16.31
CA LEU A 97 30.35 14.63 15.30
C LEU A 97 29.33 15.58 14.66
N GLU A 98 29.46 15.80 13.34
CA GLU A 98 28.58 16.68 12.55
C GLU A 98 27.86 15.82 11.51
N VAL A 99 26.52 15.80 11.56
CA VAL A 99 25.69 14.98 10.69
C VAL A 99 24.59 15.79 10.01
N GLN A 100 24.38 15.51 8.72
CA GLN A 100 23.30 16.05 7.92
C GLN A 100 22.47 14.85 7.49
N TYR A 101 21.14 14.92 7.68
CA TYR A 101 20.26 13.81 7.37
C TYR A 101 18.86 14.25 6.92
N GLU A 102 18.10 13.31 6.39
CA GLU A 102 16.73 13.53 5.93
C GLU A 102 15.80 12.49 6.51
N CYS A 103 14.51 12.81 6.52
CA CYS A 103 13.47 11.88 6.94
C CYS A 103 12.68 11.52 5.70
N VAL A 104 12.78 10.25 5.31
CA VAL A 104 12.19 9.72 4.08
C VAL A 104 11.13 8.65 4.36
N PRO A 105 10.14 8.42 3.46
CA PRO A 105 9.17 7.33 3.73
C PRO A 105 9.86 5.99 3.85
N TYR A 106 9.37 5.11 4.75
CA TYR A 106 9.95 3.77 4.97
C TYR A 106 10.22 3.05 3.65
N LYS A 107 11.37 2.36 3.58
CA LYS A 107 11.78 1.65 2.37
C LYS A 107 10.87 0.45 2.10
N VAL A 108 10.74 0.07 0.81
CA VAL A 108 9.90 -1.05 0.38
C VAL A 108 10.75 -2.05 -0.40
N GLU A 109 10.62 -3.37 -0.09
CA GLU A 109 11.28 -4.47 -0.79
C GLU A 109 10.93 -4.32 -2.27
N GLN A 110 11.94 -4.37 -3.13
CA GLN A 110 11.80 -4.15 -4.58
C GLN A 110 10.92 -5.19 -5.32
N LYS A 111 10.76 -6.42 -4.77
CA LYS A 111 9.92 -7.46 -5.37
C LYS A 111 8.45 -7.02 -5.58
N VAL A 112 7.91 -6.15 -4.69
CA VAL A 112 6.54 -5.60 -4.71
C VAL A 112 6.22 -4.89 -6.06
N PHE A 113 7.25 -4.38 -6.75
CA PHE A 113 7.13 -3.65 -8.02
C PHE A 113 7.56 -4.48 -9.24
N LEU A 114 7.97 -5.74 -9.03
CA LEU A 114 8.44 -6.59 -10.13
C LEU A 114 7.42 -7.66 -10.52
N CYS A 115 7.11 -7.75 -11.82
CA CYS A 115 6.12 -8.70 -12.33
C CYS A 115 6.54 -10.17 -12.14
N PRO A 116 5.71 -10.99 -11.45
CA PRO A 116 6.08 -12.41 -11.25
C PRO A 116 5.98 -13.25 -12.52
N GLY A 117 5.18 -12.79 -13.47
CA GLY A 117 4.97 -13.46 -14.75
C GLY A 117 3.55 -13.34 -15.27
N LEU A 118 3.18 -14.24 -16.20
CA LEU A 118 1.84 -14.28 -16.76
C LEU A 118 1.04 -15.36 -16.02
N LEU A 119 -0.19 -15.02 -15.64
CA LEU A 119 -1.10 -15.87 -14.89
C LEU A 119 -1.58 -17.10 -15.67
N LYS A 120 -1.23 -18.30 -15.16
CA LYS A 120 -1.64 -19.60 -15.72
C LYS A 120 -3.00 -20.01 -15.12
N GLY A 121 -3.22 -19.67 -13.84
CA GLY A 121 -4.45 -20.00 -13.14
C GLY A 121 -4.53 -19.56 -11.69
N VAL A 122 -5.77 -19.54 -11.16
CA VAL A 122 -6.09 -19.17 -9.77
C VAL A 122 -6.49 -20.45 -9.03
N TYR A 123 -5.87 -20.71 -7.87
CA TYR A 123 -6.11 -21.94 -7.12
C TYR A 123 -6.37 -21.72 -5.66
N GLN A 124 -7.12 -22.66 -5.03
CA GLN A 124 -7.39 -22.62 -3.60
C GLN A 124 -6.05 -22.72 -2.85
N SER A 125 -5.94 -22.06 -1.69
CA SER A 125 -4.72 -22.07 -0.90
C SER A 125 -5.06 -22.06 0.58
N GLU A 126 -5.70 -20.99 1.08
CA GLU A 126 -6.07 -20.85 2.49
C GLU A 126 -7.55 -20.56 2.66
N HIS A 127 -8.15 -21.15 3.71
CA HIS A 127 -9.52 -20.93 4.14
C HIS A 127 -9.41 -20.47 5.59
N LEU A 128 -9.55 -19.16 5.81
CA LEU A 128 -9.40 -18.53 7.11
C LEU A 128 -10.56 -18.87 8.06
N PHE A 129 -11.80 -18.47 7.69
CA PHE A 129 -13.02 -18.70 8.48
C PHE A 129 -14.26 -18.39 7.64
N GLU A 130 -15.43 -18.85 8.12
CA GLU A 130 -16.72 -18.56 7.50
C GLU A 130 -17.37 -17.48 8.37
N SER A 131 -17.48 -16.27 7.83
CA SER A 131 -18.09 -15.11 8.48
C SER A 131 -19.63 -15.26 8.52
N ASP A 132 -20.29 -14.40 9.31
CA ASP A 132 -21.75 -14.38 9.39
C ASP A 132 -22.31 -13.41 8.33
N HIS A 133 -21.40 -12.71 7.62
CA HIS A 133 -21.70 -11.75 6.56
C HIS A 133 -21.43 -12.39 5.19
N GLN A 134 -22.46 -12.44 4.32
CA GLN A 134 -22.39 -12.99 2.96
C GLN A 134 -21.40 -12.21 2.09
N SER A 135 -21.38 -10.88 2.25
CA SER A 135 -20.50 -9.99 1.51
C SER A 135 -19.61 -9.17 2.41
N GLY A 136 -18.50 -8.71 1.86
CA GLY A 136 -17.51 -7.90 2.55
C GLY A 136 -16.21 -7.86 1.78
N ALA A 137 -15.16 -7.27 2.38
CA ALA A 137 -13.85 -7.18 1.74
C ALA A 137 -12.74 -7.13 2.78
N TRP A 138 -11.56 -7.65 2.41
CA TRP A 138 -10.38 -7.69 3.28
C TRP A 138 -9.08 -7.67 2.48
N CYS A 139 -8.00 -7.13 3.09
CA CYS A 139 -6.70 -7.00 2.46
C CYS A 139 -5.60 -6.71 3.48
N LYS A 140 -4.36 -6.62 2.97
CA LYS A 140 -3.15 -6.23 3.68
C LYS A 140 -2.56 -5.05 2.88
N ASP A 141 -1.69 -4.24 3.51
CA ASP A 141 -1.01 -3.14 2.84
C ASP A 141 0.29 -3.72 2.25
N PRO A 142 0.37 -3.91 0.91
CA PRO A 142 1.57 -4.52 0.33
C PRO A 142 2.85 -3.70 0.42
N LEU A 143 2.73 -2.40 0.68
CA LEU A 143 3.90 -1.54 0.80
C LEU A 143 4.52 -1.60 2.20
N GLN A 144 3.86 -2.32 3.13
CA GLN A 144 4.33 -2.52 4.50
C GLN A 144 4.73 -3.97 4.78
N ALA A 145 5.87 -4.15 5.50
CA ALA A 145 6.35 -5.46 5.94
C ALA A 145 5.65 -5.60 7.30
N SER A 146 4.39 -6.05 7.24
CA SER A 146 3.48 -6.14 8.38
C SER A 146 2.52 -7.32 8.23
N ASP A 147 2.00 -7.81 9.37
CA ASP A 147 1.03 -8.92 9.40
C ASP A 147 -0.40 -8.38 9.50
N LYS A 148 -0.54 -7.03 9.54
CA LYS A 148 -1.83 -6.33 9.67
C LYS A 148 -2.84 -6.64 8.57
N ILE A 149 -4.08 -6.96 8.99
CA ILE A 149 -5.20 -7.22 8.08
C ILE A 149 -6.25 -6.15 8.29
N TYR A 150 -6.81 -5.66 7.17
CA TYR A 150 -7.84 -4.63 7.14
C TYR A 150 -9.13 -5.25 6.66
N TYR A 151 -10.21 -5.00 7.40
CA TYR A 151 -11.49 -5.63 7.15
C TYR A 151 -12.67 -4.65 7.11
N MET A 152 -13.47 -4.73 6.03
CA MET A 152 -14.66 -3.90 5.86
C MET A 152 -15.87 -4.79 5.54
N PRO A 153 -16.82 -4.96 6.48
CA PRO A 153 -18.00 -5.78 6.17
C PRO A 153 -18.99 -5.02 5.28
N TRP A 154 -19.87 -5.75 4.57
CA TRP A 154 -20.86 -5.09 3.71
C TRP A 154 -22.24 -5.11 4.35
N THR A 155 -22.75 -3.93 4.65
CA THR A 155 -24.07 -3.70 5.22
C THR A 155 -24.68 -2.62 4.33
N PRO A 156 -25.79 -2.93 3.61
CA PRO A 156 -26.39 -1.91 2.71
C PRO A 156 -26.79 -0.61 3.39
N TYR A 157 -26.25 0.53 2.86
CA TYR A 157 -26.45 1.92 3.28
C TYR A 157 -25.93 2.27 4.70
N ARG A 158 -25.24 1.31 5.38
CA ARG A 158 -24.73 1.50 6.75
C ARG A 158 -23.22 1.19 6.94
N THR A 159 -22.41 1.30 5.87
CA THR A 159 -20.96 1.02 5.97
C THR A 159 -20.14 2.31 6.10
N ASP A 160 -19.43 2.48 7.23
CA ASP A 160 -18.60 3.66 7.51
C ASP A 160 -17.44 3.36 8.48
N THR A 161 -17.05 2.09 8.60
CA THR A 161 -15.96 1.66 9.48
C THR A 161 -14.99 0.72 8.78
N LEU A 162 -13.74 0.71 9.25
CA LEU A 162 -12.69 -0.20 8.81
C LEU A 162 -12.01 -0.75 10.06
N THR A 163 -12.00 -2.08 10.20
CA THR A 163 -11.41 -2.75 11.35
C THR A 163 -10.02 -3.30 10.98
N GLU A 164 -9.05 -3.12 11.89
CA GLU A 164 -7.68 -3.57 11.75
C GLU A 164 -7.38 -4.70 12.74
N TYR A 165 -6.66 -5.74 12.27
CA TYR A 165 -6.20 -6.89 13.06
C TYR A 165 -4.69 -6.95 12.93
N SER A 166 -3.98 -7.31 14.01
CA SER A 166 -2.51 -7.33 14.01
C SER A 166 -1.90 -8.52 13.27
N SER A 167 -2.69 -9.60 13.08
CA SER A 167 -2.26 -10.81 12.39
C SER A 167 -3.45 -11.63 11.85
N LYS A 168 -3.16 -12.66 11.03
CA LYS A 168 -4.11 -13.64 10.48
C LYS A 168 -4.77 -14.38 11.66
N ASP A 169 -3.94 -14.78 12.64
CA ASP A 169 -4.33 -15.48 13.86
C ASP A 169 -5.35 -14.67 14.66
N ASP A 170 -5.10 -13.36 14.84
CA ASP A 170 -6.01 -12.47 15.54
C ASP A 170 -7.28 -12.21 14.74
N PHE A 171 -7.17 -12.21 13.40
CA PHE A 171 -8.30 -12.02 12.48
C PHE A 171 -9.31 -13.18 12.54
N ILE A 172 -8.83 -14.44 12.51
CA ILE A 172 -9.67 -15.63 12.59
C ILE A 172 -10.36 -15.68 13.97
N ALA A 173 -9.58 -15.43 15.05
CA ALA A 173 -10.06 -15.40 16.44
C ALA A 173 -11.04 -14.25 16.76
N GLY A 174 -11.13 -13.26 15.88
CA GLY A 174 -11.99 -12.09 16.04
C GLY A 174 -11.49 -11.19 17.14
N ARG A 175 -10.18 -10.89 17.13
CA ARG A 175 -9.47 -10.05 18.09
C ARG A 175 -8.92 -8.80 17.37
N PRO A 176 -9.71 -7.71 17.27
CA PRO A 176 -9.22 -6.52 16.56
C PRO A 176 -8.28 -5.65 17.38
N THR A 177 -7.38 -4.91 16.71
CA THR A 177 -6.45 -3.98 17.38
C THR A 177 -7.16 -2.63 17.50
N THR A 178 -7.82 -2.19 16.41
CA THR A 178 -8.53 -0.90 16.33
C THR A 178 -9.61 -0.89 15.23
N THR A 179 -10.42 0.17 15.23
CA THR A 179 -11.45 0.44 14.25
C THR A 179 -11.34 1.90 13.84
N TYR A 180 -11.54 2.18 12.56
CA TYR A 180 -11.49 3.52 12.03
C TYR A 180 -12.88 3.96 11.66
N LYS A 181 -13.29 5.15 12.12
CA LYS A 181 -14.58 5.75 11.75
C LYS A 181 -14.30 6.58 10.51
N LEU A 182 -14.92 6.22 9.40
CA LEU A 182 -14.67 6.89 8.12
C LEU A 182 -15.44 8.22 7.99
N PRO A 183 -14.87 9.23 7.26
CA PRO A 183 -15.56 10.53 7.14
C PRO A 183 -16.87 10.49 6.35
N HIS A 184 -17.05 9.44 5.53
CA HIS A 184 -18.24 9.25 4.70
C HIS A 184 -18.63 7.78 4.65
N ARG A 185 -19.88 7.50 4.23
CA ARG A 185 -20.35 6.12 4.05
C ARG A 185 -19.67 5.55 2.79
N VAL A 186 -19.55 4.22 2.73
CA VAL A 186 -18.88 3.49 1.65
C VAL A 186 -19.90 2.81 0.75
N ASP A 187 -19.68 2.89 -0.56
CA ASP A 187 -20.48 2.19 -1.54
C ASP A 187 -19.66 1.02 -2.04
N GLY A 188 -20.15 -0.19 -1.78
CA GLY A 188 -19.54 -1.44 -2.22
C GLY A 188 -18.39 -2.00 -1.40
N THR A 189 -17.76 -3.04 -1.96
CA THR A 189 -16.67 -3.81 -1.36
C THR A 189 -15.34 -3.59 -2.09
N GLY A 190 -15.23 -2.49 -2.83
CA GLY A 190 -14.06 -2.18 -3.65
C GLY A 190 -12.86 -1.57 -2.98
N PHE A 191 -12.87 -1.42 -1.65
CA PHE A 191 -11.80 -0.79 -0.88
C PHE A 191 -10.42 -1.47 -1.01
N VAL A 192 -9.37 -0.67 -0.83
CA VAL A 192 -7.97 -1.09 -0.86
C VAL A 192 -7.16 -0.26 0.21
N VAL A 193 -6.04 -0.80 0.70
CA VAL A 193 -5.12 -0.09 1.60
C VAL A 193 -3.77 -0.04 0.88
N TYR A 194 -3.16 1.14 0.77
CA TYR A 194 -1.88 1.31 0.08
C TYR A 194 -1.06 2.40 0.75
N ASP A 195 0.16 2.04 1.17
CA ASP A 195 1.12 2.94 1.81
C ASP A 195 0.54 3.74 3.00
N GLY A 196 -0.12 3.02 3.92
CA GLY A 196 -0.74 3.57 5.11
C GLY A 196 -2.02 4.35 4.88
N ALA A 197 -2.56 4.29 3.65
CA ALA A 197 -3.79 5.03 3.33
C ALA A 197 -4.88 4.14 2.82
N LEU A 198 -6.09 4.36 3.32
CA LEU A 198 -7.29 3.64 2.88
C LEU A 198 -7.90 4.38 1.69
N PHE A 199 -8.29 3.63 0.65
CA PHE A 199 -8.95 4.18 -0.53
C PHE A 199 -10.31 3.52 -0.67
N PHE A 200 -11.37 4.33 -0.77
CA PHE A 200 -12.75 3.81 -0.88
C PHE A 200 -13.65 4.69 -1.74
N ASN A 201 -14.78 4.11 -2.18
CA ASN A 201 -15.77 4.83 -2.97
C ASN A 201 -16.80 5.46 -2.05
N LYS A 202 -16.85 6.80 -2.04
CA LYS A 202 -17.78 7.61 -1.24
C LYS A 202 -19.21 7.31 -1.69
N GLU A 203 -20.08 6.93 -0.74
CA GLU A 203 -21.49 6.56 -1.00
C GLU A 203 -22.22 7.59 -1.88
N ARG A 204 -22.94 7.08 -2.91
CA ARG A 204 -23.74 7.87 -3.86
C ARG A 204 -22.93 8.93 -4.63
N THR A 205 -21.65 8.61 -4.97
CA THR A 205 -20.75 9.49 -5.73
C THR A 205 -19.82 8.64 -6.61
N ARG A 206 -19.19 9.30 -7.60
CA ARG A 206 -18.20 8.68 -8.48
C ARG A 206 -16.79 9.08 -7.98
N ASN A 207 -16.68 9.34 -6.66
CA ASN A 207 -15.44 9.78 -6.01
C ASN A 207 -14.75 8.75 -5.15
N ILE A 208 -13.41 8.83 -5.13
CA ILE A 208 -12.53 7.99 -4.32
C ILE A 208 -11.99 8.86 -3.18
N VAL A 209 -12.12 8.38 -1.94
CA VAL A 209 -11.63 9.10 -0.78
C VAL A 209 -10.33 8.44 -0.29
N LYS A 210 -9.33 9.25 0.03
CA LYS A 210 -8.06 8.82 0.58
C LYS A 210 -8.12 9.18 2.07
N PHE A 211 -7.97 8.17 2.95
CA PHE A 211 -8.03 8.35 4.39
C PHE A 211 -6.74 7.84 5.02
N ASP A 212 -5.95 8.75 5.63
CA ASP A 212 -4.69 8.37 6.28
C ASP A 212 -4.98 7.64 7.58
N LEU A 213 -4.54 6.38 7.68
CA LEU A 213 -4.81 5.55 8.86
C LEU A 213 -4.01 5.95 10.12
N ARG A 214 -2.75 6.42 9.97
CA ARG A 214 -1.92 6.82 11.11
C ARG A 214 -2.47 8.08 11.82
N THR A 215 -2.92 9.09 11.05
CA THR A 215 -3.44 10.33 11.63
C THR A 215 -4.97 10.38 11.73
N ARG A 216 -5.68 9.39 11.12
CA ARG A 216 -7.15 9.25 11.15
C ARG A 216 -7.90 10.44 10.55
N ILE A 217 -7.43 10.94 9.40
CA ILE A 217 -8.05 12.05 8.68
C ILE A 217 -8.05 11.84 7.17
N LYS A 218 -9.04 12.43 6.48
CA LYS A 218 -9.15 12.41 5.03
C LYS A 218 -7.95 13.19 4.48
N SER A 219 -7.16 12.57 3.62
CA SER A 219 -5.97 13.24 3.08
C SER A 219 -6.16 13.71 1.63
N GLY A 220 -7.33 13.43 1.07
CA GLY A 220 -7.65 13.83 -0.29
C GLY A 220 -8.85 13.14 -0.91
N GLU A 221 -9.25 13.63 -2.09
CA GLU A 221 -10.37 13.11 -2.86
C GLU A 221 -10.10 13.23 -4.37
N ALA A 222 -10.55 12.25 -5.14
CA ALA A 222 -10.43 12.25 -6.58
C ALA A 222 -11.77 11.88 -7.18
N ILE A 223 -12.17 12.60 -8.25
CA ILE A 223 -13.40 12.32 -8.97
C ILE A 223 -13.03 11.39 -10.11
N ILE A 224 -13.76 10.28 -10.26
CA ILE A 224 -13.51 9.36 -11.37
C ILE A 224 -14.45 9.78 -12.47
N ALA A 225 -13.96 10.68 -13.36
CA ALA A 225 -14.70 11.27 -14.47
C ALA A 225 -15.51 10.24 -15.24
N ASN A 226 -16.83 10.51 -15.37
CA ASN A 226 -17.83 9.72 -16.09
C ASN A 226 -18.08 8.31 -15.54
N ALA A 227 -17.57 8.00 -14.33
CA ALA A 227 -17.79 6.68 -13.73
C ALA A 227 -19.25 6.52 -13.32
N ASN A 228 -19.84 5.37 -13.67
CA ASN A 228 -21.20 5.03 -13.25
C ASN A 228 -21.12 4.67 -11.76
N TYR A 229 -22.16 4.98 -10.99
CA TYR A 229 -22.14 4.74 -9.55
C TYR A 229 -23.52 4.41 -8.97
N HIS A 230 -23.52 3.83 -7.74
CA HIS A 230 -24.70 3.45 -6.94
C HIS A 230 -25.70 2.57 -7.72
N ASP A 231 -25.36 1.28 -7.88
CA ASP A 231 -26.12 0.24 -8.57
C ASP A 231 -26.52 0.62 -10.02
N THR A 232 -25.58 1.23 -10.76
CA THR A 232 -25.74 1.56 -12.18
C THR A 232 -24.91 0.51 -12.94
N SER A 233 -23.63 0.37 -12.58
CA SER A 233 -22.74 -0.62 -13.20
C SER A 233 -21.95 -1.44 -12.15
N PRO A 234 -22.61 -2.16 -11.22
CA PRO A 234 -21.85 -2.97 -10.27
C PRO A 234 -21.49 -4.33 -10.86
N TYR A 235 -20.82 -5.17 -10.06
CA TYR A 235 -20.54 -6.55 -10.44
C TYR A 235 -21.86 -7.33 -10.34
N ARG A 236 -21.92 -8.54 -10.95
CA ARG A 236 -23.10 -9.41 -11.02
C ARG A 236 -23.91 -9.51 -9.72
N TRP A 237 -23.22 -9.66 -8.57
CA TRP A 237 -23.86 -9.79 -7.25
C TRP A 237 -24.58 -8.51 -6.79
N GLY A 238 -24.22 -7.35 -7.37
CA GLY A 238 -24.80 -6.06 -7.06
C GLY A 238 -24.07 -5.35 -5.94
N GLY A 239 -24.79 -5.07 -4.85
CA GLY A 239 -24.28 -4.44 -3.63
C GLY A 239 -23.46 -3.17 -3.77
N LYS A 240 -23.83 -2.30 -4.73
CA LYS A 240 -23.18 -1.02 -5.03
C LYS A 240 -21.68 -1.16 -5.35
N SER A 241 -21.32 -2.26 -6.06
CA SER A 241 -19.96 -2.65 -6.48
C SER A 241 -19.45 -1.89 -7.71
N ASP A 242 -20.12 -0.79 -8.08
CA ASP A 242 -19.86 0.03 -9.27
C ASP A 242 -18.39 0.37 -9.54
N ILE A 243 -17.66 0.73 -8.47
CA ILE A 243 -16.27 1.16 -8.53
C ILE A 243 -15.43 0.29 -7.60
N ASP A 244 -14.41 -0.36 -8.16
CA ASP A 244 -13.52 -1.26 -7.44
C ASP A 244 -12.07 -0.77 -7.54
N LEU A 245 -11.39 -0.63 -6.39
CA LEU A 245 -9.99 -0.22 -6.38
C LEU A 245 -9.10 -1.45 -6.40
N ALA A 246 -7.92 -1.32 -7.01
CA ALA A 246 -6.99 -2.45 -7.14
C ALA A 246 -5.56 -1.99 -7.00
N VAL A 247 -4.73 -2.84 -6.36
CA VAL A 247 -3.31 -2.57 -6.17
C VAL A 247 -2.49 -3.66 -6.87
N ASP A 248 -1.44 -3.25 -7.60
CA ASP A 248 -0.51 -4.16 -8.25
C ASP A 248 0.92 -3.57 -8.25
N GLU A 249 1.83 -4.17 -9.02
CA GLU A 249 3.24 -3.78 -9.18
C GLU A 249 3.43 -2.32 -9.67
N ASN A 250 2.40 -1.75 -10.32
CA ASN A 250 2.43 -0.40 -10.90
C ASN A 250 1.85 0.67 -9.99
N GLY A 251 1.06 0.24 -9.00
CA GLY A 251 0.43 1.15 -8.06
C GLY A 251 -1.05 0.89 -7.87
N LEU A 252 -1.81 1.98 -7.79
CA LEU A 252 -3.25 2.03 -7.55
C LEU A 252 -4.05 2.21 -8.84
N TRP A 253 -5.12 1.42 -8.96
CA TRP A 253 -6.03 1.39 -10.10
C TRP A 253 -7.46 1.53 -9.67
N VAL A 254 -8.32 1.96 -10.61
CA VAL A 254 -9.77 2.06 -10.42
C VAL A 254 -10.40 1.24 -11.54
N ILE A 255 -11.27 0.29 -11.17
CA ILE A 255 -12.03 -0.57 -12.08
C ILE A 255 -13.48 -0.13 -11.96
N TYR A 256 -14.04 0.36 -13.05
CA TYR A 256 -15.40 0.91 -13.09
C TYR A 256 -15.98 0.75 -14.49
N ALA A 257 -17.06 1.47 -14.81
CA ALA A 257 -17.69 1.47 -16.11
C ALA A 257 -18.28 2.85 -16.40
N THR A 258 -18.44 3.20 -17.69
CA THR A 258 -18.98 4.48 -18.17
C THR A 258 -20.08 4.25 -19.21
N GLU A 259 -20.99 5.22 -19.38
CA GLU A 259 -22.06 5.17 -20.38
C GLU A 259 -21.41 5.37 -21.76
N GLN A 260 -20.32 6.20 -21.79
CA GLN A 260 -19.49 6.47 -22.98
C GLN A 260 -18.93 5.17 -23.56
N ASN A 261 -18.63 4.19 -22.68
CA ASN A 261 -18.13 2.87 -23.06
C ASN A 261 -19.25 1.80 -22.98
N ASN A 262 -20.53 2.24 -23.07
CA ASN A 262 -21.75 1.40 -23.04
C ASN A 262 -21.80 0.39 -21.89
N GLY A 263 -21.47 0.85 -20.68
CA GLY A 263 -21.46 0.03 -19.48
C GLY A 263 -20.39 -1.04 -19.41
N LYS A 264 -19.38 -0.96 -20.30
CA LYS A 264 -18.26 -1.90 -20.32
C LYS A 264 -17.16 -1.41 -19.38
N ILE A 265 -16.34 -2.33 -18.85
CA ILE A 265 -15.28 -2.01 -17.90
C ILE A 265 -14.30 -0.97 -18.47
N VAL A 266 -14.00 0.03 -17.64
CA VAL A 266 -13.05 1.09 -17.91
C VAL A 266 -12.06 1.03 -16.75
N ILE A 267 -10.76 1.09 -17.07
CA ILE A 267 -9.72 1.02 -16.07
C ILE A 267 -8.84 2.27 -16.11
N SER A 268 -8.55 2.82 -14.93
CA SER A 268 -7.74 4.02 -14.77
C SER A 268 -6.68 3.82 -13.70
N GLN A 269 -5.50 4.40 -13.93
CA GLN A 269 -4.44 4.39 -12.93
C GLN A 269 -4.69 5.63 -12.09
N LEU A 270 -4.66 5.49 -10.76
CA LEU A 270 -4.85 6.61 -9.85
C LEU A 270 -3.57 6.80 -9.06
N ASN A 271 -2.95 7.99 -9.13
CA ASN A 271 -1.74 8.23 -8.37
C ASN A 271 -2.12 8.40 -6.89
N PRO A 272 -1.62 7.53 -5.99
CA PRO A 272 -2.02 7.61 -4.58
C PRO A 272 -1.49 8.83 -3.82
N TYR A 273 -0.47 9.50 -4.37
CA TYR A 273 0.18 10.67 -3.78
C TYR A 273 -0.32 12.00 -4.33
N THR A 274 -0.59 12.08 -5.63
CA THR A 274 -1.04 13.33 -6.27
C THR A 274 -2.55 13.36 -6.56
N LEU A 275 -3.22 12.19 -6.45
CA LEU A 275 -4.67 12.01 -6.70
C LEU A 275 -5.07 12.28 -8.16
N ARG A 276 -4.10 12.22 -9.08
CA ARG A 276 -4.30 12.42 -10.51
C ARG A 276 -4.65 11.10 -11.18
N ILE A 277 -5.48 11.15 -12.24
CA ILE A 277 -5.81 9.98 -13.06
C ILE A 277 -4.66 9.93 -14.08
N GLU A 278 -3.82 8.88 -14.01
CA GLU A 278 -2.65 8.73 -14.89
C GLU A 278 -2.85 7.67 -16.00
N GLY A 279 -3.79 7.95 -16.91
CA GLY A 279 -4.09 7.04 -18.01
C GLY A 279 -5.40 6.30 -17.80
N THR A 280 -6.18 6.16 -18.88
CA THR A 280 -7.48 5.51 -18.89
C THR A 280 -7.56 4.58 -20.12
N TRP A 281 -8.08 3.35 -19.90
CA TRP A 281 -8.24 2.35 -20.95
C TRP A 281 -9.66 1.81 -20.97
N ASP A 282 -10.27 1.75 -22.18
CA ASP A 282 -11.62 1.24 -22.40
C ASP A 282 -11.55 -0.23 -22.82
N THR A 283 -12.24 -1.10 -22.06
CA THR A 283 -12.29 -2.54 -22.34
C THR A 283 -13.60 -2.89 -23.06
N ALA A 284 -13.76 -4.17 -23.47
CA ALA A 284 -14.95 -4.66 -24.17
C ALA A 284 -15.83 -5.58 -23.30
N TYR A 285 -15.54 -5.69 -21.99
CA TYR A 285 -16.30 -6.57 -21.10
C TYR A 285 -17.37 -5.83 -20.33
N ASP A 286 -18.65 -6.27 -20.45
CA ASP A 286 -19.77 -5.66 -19.72
C ASP A 286 -19.58 -5.89 -18.22
N LYS A 287 -19.51 -4.80 -17.42
CA LYS A 287 -19.25 -4.88 -15.98
C LYS A 287 -20.33 -5.65 -15.20
N ARG A 288 -21.61 -5.49 -15.58
CA ARG A 288 -22.75 -6.17 -14.96
C ARG A 288 -22.67 -7.71 -15.13
N SER A 289 -21.93 -8.19 -16.15
CA SER A 289 -21.72 -9.60 -16.45
C SER A 289 -20.54 -10.20 -15.65
N ALA A 290 -19.63 -9.33 -15.17
CA ALA A 290 -18.45 -9.72 -14.39
C ALA A 290 -18.81 -9.96 -12.92
N SER A 291 -18.32 -11.07 -12.34
CA SER A 291 -18.54 -11.40 -10.93
C SER A 291 -17.60 -10.54 -10.08
N ASN A 292 -16.38 -10.31 -10.61
CA ASN A 292 -15.33 -9.46 -10.04
C ASN A 292 -14.20 -9.29 -11.07
N ALA A 293 -13.15 -8.53 -10.70
CA ALA A 293 -11.98 -8.26 -11.54
C ALA A 293 -10.81 -7.81 -10.66
N PHE A 294 -9.57 -7.90 -11.19
CA PHE A 294 -8.34 -7.51 -10.47
C PHE A 294 -7.20 -7.24 -11.45
N MET A 295 -6.17 -6.50 -11.00
CA MET A 295 -5.00 -6.17 -11.82
C MET A 295 -3.77 -6.94 -11.35
N ILE A 296 -2.93 -7.38 -12.28
CA ILE A 296 -1.62 -8.01 -12.06
C ILE A 296 -0.75 -7.49 -13.20
N CYS A 297 0.40 -6.84 -12.90
CA CYS A 297 1.36 -6.30 -13.89
C CYS A 297 0.72 -5.40 -14.95
N GLY A 298 -0.27 -4.61 -14.56
CA GLY A 298 -1.00 -3.72 -15.45
C GLY A 298 -1.95 -4.44 -16.38
N ILE A 299 -2.28 -5.71 -16.07
CA ILE A 299 -3.20 -6.51 -16.87
C ILE A 299 -4.46 -6.75 -16.06
N LEU A 300 -5.62 -6.42 -16.63
CA LEU A 300 -6.92 -6.65 -16.00
C LEU A 300 -7.34 -8.09 -16.22
N TYR A 301 -7.77 -8.77 -15.16
CA TYR A 301 -8.26 -10.14 -15.20
C TYR A 301 -9.72 -10.09 -14.76
N VAL A 302 -10.65 -10.51 -15.63
CA VAL A 302 -12.09 -10.48 -15.34
C VAL A 302 -12.58 -11.88 -14.95
N VAL A 303 -13.32 -11.98 -13.83
CA VAL A 303 -13.86 -13.23 -13.31
C VAL A 303 -15.32 -13.39 -13.74
N LYS A 304 -15.65 -14.59 -14.25
CA LYS A 304 -16.98 -14.99 -14.66
C LYS A 304 -17.41 -16.21 -13.81
N SER A 305 -18.64 -16.20 -13.30
CA SER A 305 -19.22 -17.28 -12.49
C SER A 305 -20.73 -17.36 -12.66
N ASN A 317 -15.81 -19.15 -11.21
CA ASN A 317 -15.78 -20.27 -12.16
C ASN A 317 -14.57 -20.23 -13.09
N LYS A 318 -14.34 -19.11 -13.82
CA LYS A 318 -13.19 -18.95 -14.72
C LYS A 318 -12.85 -17.48 -14.98
N ILE A 319 -11.62 -17.23 -15.46
CA ILE A 319 -11.16 -15.94 -15.96
C ILE A 319 -11.37 -16.12 -17.48
N ASP A 320 -12.29 -15.35 -18.06
CA ASP A 320 -12.60 -15.47 -19.49
C ASP A 320 -12.19 -14.25 -20.33
N TYR A 321 -11.50 -13.27 -19.70
CA TYR A 321 -11.08 -12.07 -20.40
C TYR A 321 -9.95 -11.35 -19.69
N ILE A 322 -9.00 -10.84 -20.50
CA ILE A 322 -7.85 -10.07 -20.03
C ILE A 322 -7.68 -8.81 -20.86
N TYR A 323 -7.20 -7.73 -20.23
CA TYR A 323 -6.89 -6.47 -20.93
C TYR A 323 -5.50 -6.03 -20.48
N ASN A 324 -4.55 -5.94 -21.43
CA ASN A 324 -3.18 -5.52 -21.16
C ASN A 324 -3.07 -4.02 -21.40
N THR A 325 -2.92 -3.21 -20.32
CA THR A 325 -2.82 -1.75 -20.44
C THR A 325 -1.50 -1.28 -21.07
N ASP A 326 -0.41 -2.07 -20.93
CA ASP A 326 0.89 -1.74 -21.51
C ASP A 326 0.83 -1.76 -23.04
N GLN A 327 0.05 -2.69 -23.60
CA GLN A 327 -0.09 -2.83 -25.04
C GLN A 327 -1.40 -2.26 -25.58
N SER A 328 -2.38 -1.98 -24.66
CA SER A 328 -3.75 -1.54 -24.99
C SER A 328 -4.41 -2.62 -25.89
N LYS A 329 -4.23 -3.90 -25.51
CA LYS A 329 -4.70 -5.08 -26.22
C LYS A 329 -5.44 -6.01 -25.27
N ASP A 330 -6.58 -6.55 -25.72
CA ASP A 330 -7.35 -7.51 -24.94
C ASP A 330 -7.34 -8.88 -25.63
N SER A 331 -7.70 -9.92 -24.87
CA SER A 331 -7.75 -11.29 -25.39
C SER A 331 -8.78 -12.09 -24.62
N LEU A 332 -9.41 -13.06 -25.31
CA LEU A 332 -10.34 -14.00 -24.69
C LEU A 332 -9.49 -15.14 -24.15
N VAL A 333 -9.67 -15.50 -22.88
CA VAL A 333 -8.91 -16.57 -22.24
C VAL A 333 -9.81 -17.58 -21.52
N ASP A 334 -9.21 -18.66 -21.01
CA ASP A 334 -9.87 -19.71 -20.25
C ASP A 334 -8.92 -20.07 -19.10
N VAL A 335 -8.69 -19.10 -18.21
CA VAL A 335 -7.79 -19.21 -17.06
C VAL A 335 -8.56 -19.75 -15.84
N PRO A 336 -8.12 -20.86 -15.22
CA PRO A 336 -8.86 -21.43 -14.09
C PRO A 336 -9.03 -20.52 -12.87
N PHE A 337 -10.17 -20.68 -12.18
CA PHE A 337 -10.56 -19.95 -10.97
C PHE A 337 -11.40 -20.93 -10.10
N PRO A 338 -11.24 -20.95 -8.75
CA PRO A 338 -11.99 -21.92 -7.92
C PRO A 338 -13.51 -21.87 -8.04
N ASN A 339 -14.11 -23.05 -8.31
CA ASN A 339 -15.56 -23.27 -8.51
C ASN A 339 -16.33 -23.57 -7.21
N SER A 340 -15.66 -23.49 -6.04
CA SER A 340 -16.19 -23.80 -4.71
C SER A 340 -17.49 -23.06 -4.32
N TYR A 341 -17.48 -21.72 -4.34
CA TYR A 341 -18.67 -20.94 -3.94
C TYR A 341 -19.11 -19.94 -5.03
N GLN A 342 -20.40 -19.55 -4.97
CA GLN A 342 -21.08 -18.71 -5.97
C GLN A 342 -20.99 -17.19 -5.76
N TYR A 343 -21.35 -16.67 -4.57
CA TYR A 343 -21.42 -15.24 -4.26
C TYR A 343 -20.05 -14.55 -4.04
N ILE A 344 -19.32 -14.26 -5.15
CA ILE A 344 -18.01 -13.60 -5.10
C ILE A 344 -18.16 -12.09 -4.87
N ALA A 345 -18.00 -11.65 -3.62
CA ALA A 345 -18.14 -10.25 -3.19
C ALA A 345 -16.92 -9.37 -3.41
N ALA A 346 -15.70 -9.91 -3.24
CA ALA A 346 -14.46 -9.15 -3.41
C ALA A 346 -13.30 -10.06 -3.81
N VAL A 347 -12.38 -9.51 -4.63
CA VAL A 347 -11.16 -10.18 -5.10
C VAL A 347 -10.09 -9.09 -5.13
N ASP A 348 -9.12 -9.15 -4.22
CA ASP A 348 -8.05 -8.18 -4.17
C ASP A 348 -6.69 -8.82 -4.32
N TYR A 349 -5.95 -8.40 -5.34
CA TYR A 349 -4.61 -8.91 -5.56
C TYR A 349 -3.62 -8.21 -4.64
N ASN A 350 -2.61 -8.94 -4.17
CA ASN A 350 -1.56 -8.39 -3.34
C ASN A 350 -0.21 -8.58 -4.05
N PRO A 351 0.46 -7.49 -4.47
CA PRO A 351 1.76 -7.64 -5.16
C PRO A 351 2.95 -8.02 -4.25
N ARG A 352 2.80 -8.03 -2.91
CA ARG A 352 3.91 -8.43 -2.05
C ARG A 352 4.00 -9.97 -1.99
N ASP A 353 2.89 -10.65 -1.64
CA ASP A 353 2.84 -12.12 -1.50
C ASP A 353 2.28 -12.83 -2.72
N ASN A 354 1.78 -12.08 -3.73
CA ASN A 354 1.22 -12.62 -4.98
C ASN A 354 0.02 -13.54 -4.75
N LEU A 355 -0.86 -13.16 -3.81
CA LEU A 355 -2.06 -13.89 -3.47
C LEU A 355 -3.31 -13.04 -3.70
N LEU A 356 -4.48 -13.70 -3.88
CA LEU A 356 -5.76 -13.03 -4.02
C LEU A 356 -6.49 -13.10 -2.69
N TYR A 357 -6.92 -11.95 -2.20
CA TYR A 357 -7.65 -11.77 -0.94
C TYR A 357 -9.10 -11.73 -1.34
N VAL A 358 -9.80 -12.84 -1.12
CA VAL A 358 -11.15 -13.06 -1.61
C VAL A 358 -12.22 -13.21 -0.53
N TRP A 359 -13.42 -12.69 -0.83
CA TRP A 359 -14.61 -12.84 0.00
C TRP A 359 -15.64 -13.49 -0.91
N ASN A 360 -15.98 -14.76 -0.60
CA ASN A 360 -16.90 -15.54 -1.40
C ASN A 360 -17.95 -16.24 -0.54
N ASN A 361 -19.21 -15.79 -0.65
CA ASN A 361 -20.40 -16.33 0.04
C ASN A 361 -20.10 -16.76 1.48
N TYR A 362 -19.89 -15.77 2.36
CA TYR A 362 -19.56 -15.92 3.78
C TYR A 362 -18.09 -16.31 4.05
N HIS A 363 -17.47 -17.09 3.13
CA HIS A 363 -16.09 -17.58 3.29
C HIS A 363 -15.00 -16.56 2.96
N VAL A 364 -14.09 -16.35 3.91
CA VAL A 364 -12.94 -15.43 3.83
C VAL A 364 -11.74 -16.31 3.46
N VAL A 365 -11.29 -16.19 2.20
CA VAL A 365 -10.23 -17.07 1.67
C VAL A 365 -9.06 -16.35 0.99
N LYS A 366 -7.94 -17.08 0.83
CA LYS A 366 -6.76 -16.64 0.08
C LYS A 366 -6.56 -17.63 -1.07
N TYR A 367 -6.38 -17.13 -2.29
CA TYR A 367 -6.12 -17.97 -3.46
C TYR A 367 -4.69 -17.76 -3.94
N SER A 368 -4.04 -18.86 -4.30
CA SER A 368 -2.68 -18.83 -4.84
C SER A 368 -2.76 -18.53 -6.34
N LEU A 369 -1.63 -18.12 -6.93
CA LEU A 369 -1.56 -17.80 -8.35
C LEU A 369 -0.35 -18.49 -8.98
N ASP A 370 -0.57 -19.18 -10.10
CA ASP A 370 0.49 -19.89 -10.78
C ASP A 370 0.98 -19.08 -11.97
N PHE A 371 2.28 -18.72 -11.98
CA PHE A 371 2.88 -17.94 -13.07
C PHE A 371 3.88 -18.77 -13.86
C1 NAG B . 18.00 1.14 4.43
C2 NAG B . 16.90 0.15 2.85
C3 NAG B . 17.94 -0.12 1.80
C4 NAG B . 18.60 1.23 1.44
C5 NAG B . 19.36 1.93 2.65
C6 NAG B . 19.96 3.26 2.18
C7 NAG B . 16.87 -2.03 4.02
C8 NAG B . 16.12 -3.27 4.44
N2 NAG B . 16.23 -1.08 3.29
O3 NAG B . 17.31 -0.72 0.66
O4 NAG B . 19.56 0.96 0.42
O5 NAG B . 18.58 2.29 3.84
O6 NAG B . 19.65 3.57 0.81
O7 NAG B . 18.03 -1.90 4.35
NA NA C . -10.92 -3.61 -4.49
CA CA D . -11.54 -6.75 -7.38
C1 GOL E . -0.75 2.76 9.47
O1 GOL E . -0.66 1.42 8.99
C2 GOL E . -1.54 2.94 10.80
O2 GOL E . -0.70 3.62 11.74
C3 GOL E . -2.17 1.71 11.50
O3 GOL E . -1.93 0.46 10.86
C1 GOL F . 6.57 -0.77 6.85
O1 GOL F . 7.30 -1.99 6.65
C2 GOL F . 6.94 -0.17 8.20
O2 GOL F . 6.59 -1.09 9.24
C3 GOL F . 6.16 1.13 8.41
O3 GOL F . 6.51 1.70 9.67
#